data_7ZWR
#
_entry.id   7ZWR
#
_cell.length_a   67.265
_cell.length_b   67.265
_cell.length_c   164.474
_cell.angle_alpha   90.000
_cell.angle_beta   90.000
_cell.angle_gamma   120.000
#
_symmetry.space_group_name_H-M   'P 61 2 2'
#
loop_
_entity.id
_entity.type
_entity.pdbx_description
1 polymer 'B-cell lymphoma 6 protein'
2 polymer ALA-TRP-VAL-ILE-PRO-ALA
3 non-polymer '2-[2-[[(6~{S})-3-cyano-6-methyl-4-(trifluoromethyl)-5,6,7,8-tetrahydroquinolin-2-yl]sulfanyl]ethanoylamino]ethanoic acid'
4 non-polymer 1,2-ETHANEDIOL
5 water water
#
loop_
_entity_poly.entity_id
_entity_poly.type
_entity_poly.pdbx_seq_one_letter_code
_entity_poly.pdbx_strand_id
1 'polypeptide(L)'
;GPGADSCIQFTRHASDVLLNLNRLRSRDILTDVVIVVSREQFRAHKTVLMACSGLFYSIFTDQLKCNLSVINLDPEINPE
GFCILLDFMYTSRLNLREGNIMAVMATAMYLQMEHVVDTCRKFIKASE
;
A
2 'polypeptide(L)' AWVIPA B
#
loop_
_chem_comp.id
_chem_comp.type
_chem_comp.name
_chem_comp.formula
EDO non-polymer 1,2-ETHANEDIOL 'C2 H6 O2'
K4X non-polymer '2-[2-[[(6~{S})-3-cyano-6-methyl-4-(trifluoromethyl)-5,6,7,8-tetrahydroquinolin-2-yl]sulfanyl]ethanoylamino]ethanoic acid' 'C16 H16 F3 N3 O3 S'
#
# COMPACT_ATOMS: atom_id res chain seq x y z
C ASP A 5 -21.74 -3.85 22.37
N SER A 6 -21.66 -4.64 23.47
CA SER A 6 -21.15 -4.16 24.76
C SER A 6 -19.60 -4.04 24.84
N CYS A 7 -18.89 -4.15 23.69
CA CYS A 7 -17.44 -4.06 23.59
CA CYS A 7 -17.44 -4.08 23.67
C CYS A 7 -16.87 -2.70 24.02
N ILE A 8 -15.61 -2.70 24.47
CA ILE A 8 -14.80 -1.48 24.71
C ILE A 8 -13.80 -1.51 23.53
N GLN A 9 -13.22 -0.37 23.17
CA GLN A 9 -12.32 -0.30 22.00
C GLN A 9 -11.01 0.39 22.37
N PHE A 10 -9.87 -0.14 21.88
CA PHE A 10 -8.57 0.48 22.14
C PHE A 10 -8.29 1.34 20.92
N THR A 11 -8.39 2.65 21.10
N THR A 11 -8.40 2.67 21.09
CA THR A 11 -8.25 3.58 20.00
CA THR A 11 -8.27 3.66 20.01
C THR A 11 -7.03 3.38 19.13
C THR A 11 -7.01 3.58 19.16
N ARG A 12 -5.87 3.19 19.76
CA ARG A 12 -4.60 3.11 19.01
C ARG A 12 -4.30 1.74 18.40
N HIS A 13 -5.19 0.75 18.65
CA HIS A 13 -4.90 -0.61 18.20
C HIS A 13 -4.61 -0.73 16.71
N ALA A 14 -5.51 -0.20 15.84
CA ALA A 14 -5.28 -0.39 14.38
C ALA A 14 -3.96 0.25 13.94
N SER A 15 -3.65 1.48 14.42
N SER A 15 -3.66 1.47 14.46
N SER A 15 -3.66 1.47 14.44
CA SER A 15 -2.39 2.12 14.03
CA SER A 15 -2.42 2.18 14.14
CA SER A 15 -2.40 2.16 14.10
C SER A 15 -1.17 1.33 14.57
C SER A 15 -1.18 1.41 14.61
C SER A 15 -1.18 1.36 14.58
N ASP A 16 -1.28 0.77 15.79
CA ASP A 16 -0.17 -0.02 16.36
C ASP A 16 0.02 -1.30 15.52
N VAL A 17 -1.07 -1.94 15.09
CA VAL A 17 -0.96 -3.15 14.24
C VAL A 17 -0.22 -2.76 12.95
N LEU A 18 -0.65 -1.67 12.33
CA LEU A 18 -0.02 -1.26 11.06
C LEU A 18 1.46 -0.95 11.27
N LEU A 19 1.81 -0.23 12.36
N LEU A 19 1.79 -0.25 12.38
CA LEU A 19 3.23 0.06 12.63
CA LEU A 19 3.18 0.09 12.72
C LEU A 19 4.01 -1.25 12.76
C LEU A 19 4.00 -1.20 12.85
N ASN A 20 3.42 -2.24 13.48
CA ASN A 20 4.10 -3.52 13.66
C ASN A 20 4.22 -4.30 12.36
N LEU A 21 3.20 -4.23 11.51
CA LEU A 21 3.32 -4.91 10.18
C LEU A 21 4.45 -4.24 9.38
N ASN A 22 4.57 -2.91 9.49
CA ASN A 22 5.68 -2.25 8.75
C ASN A 22 7.04 -2.66 9.35
N ARG A 23 7.11 -2.84 10.70
CA ARG A 23 8.36 -3.31 11.33
C ARG A 23 8.68 -4.72 10.81
N LEU A 24 7.66 -5.61 10.66
CA LEU A 24 7.95 -6.93 10.09
C LEU A 24 8.47 -6.80 8.67
N ARG A 25 7.83 -5.93 7.85
CA ARG A 25 8.31 -5.72 6.47
C ARG A 25 9.77 -5.24 6.45
N SER A 26 10.12 -4.26 7.30
N SER A 26 10.11 -4.26 7.34
N SER A 26 10.12 -4.26 7.33
CA SER A 26 11.48 -3.72 7.32
CA SER A 26 11.45 -3.67 7.49
CA SER A 26 11.46 -3.67 7.43
C SER A 26 12.51 -4.80 7.63
C SER A 26 12.53 -4.70 7.78
C SER A 26 12.55 -4.69 7.80
N ARG A 27 12.17 -5.75 8.53
CA ARG A 27 13.09 -6.83 8.94
C ARG A 27 12.93 -8.04 8.05
N ASP A 28 12.05 -7.95 7.04
CA ASP A 28 11.77 -9.01 6.09
C ASP A 28 11.23 -10.27 6.79
N ILE A 29 10.39 -10.07 7.81
CA ILE A 29 9.83 -11.18 8.56
C ILE A 29 8.48 -11.60 7.98
N LEU A 30 8.35 -12.89 7.61
N LEU A 30 8.43 -12.86 7.52
CA LEU A 30 7.09 -13.44 7.09
CA LEU A 30 7.24 -13.52 6.97
C LEU A 30 6.64 -12.82 5.74
C LEU A 30 6.69 -12.85 5.71
N THR A 31 7.53 -12.07 5.02
CA THR A 31 7.14 -11.52 3.71
C THR A 31 7.01 -12.75 2.80
N ASP A 32 5.99 -12.76 1.95
CA ASP A 32 5.68 -13.94 1.15
C ASP A 32 5.51 -13.65 -0.33
N VAL A 33 5.84 -12.42 -0.76
CA VAL A 33 5.75 -12.12 -2.19
C VAL A 33 6.78 -11.05 -2.54
N VAL A 34 7.26 -11.09 -3.79
CA VAL A 34 8.13 -10.06 -4.32
C VAL A 34 7.34 -9.43 -5.45
N ILE A 35 7.19 -8.09 -5.43
CA ILE A 35 6.52 -7.38 -6.51
C ILE A 35 7.66 -6.80 -7.33
N VAL A 36 7.66 -7.06 -8.64
CA VAL A 36 8.71 -6.58 -9.52
C VAL A 36 8.16 -5.46 -10.39
N VAL A 37 8.85 -4.30 -10.38
CA VAL A 37 8.40 -3.13 -11.12
C VAL A 37 9.62 -2.72 -11.93
N SER A 38 9.62 -3.12 -13.23
CA SER A 38 10.76 -2.93 -14.10
C SER A 38 12.04 -3.51 -13.45
N ARG A 39 13.06 -2.72 -13.17
CA ARG A 39 14.26 -3.35 -12.60
C ARG A 39 14.22 -3.45 -11.07
N GLU A 40 13.08 -3.15 -10.46
CA GLU A 40 13.11 -3.08 -9.00
C GLU A 40 12.27 -4.13 -8.35
N GLN A 41 12.70 -4.62 -7.18
CA GLN A 41 11.98 -5.66 -6.44
C GLN A 41 11.54 -5.12 -5.09
N PHE A 42 10.31 -5.45 -4.68
CA PHE A 42 9.78 -5.00 -3.38
C PHE A 42 9.19 -6.19 -2.64
N ARG A 43 9.69 -6.49 -1.46
CA ARG A 43 9.16 -7.60 -0.67
C ARG A 43 7.99 -7.08 0.17
N ALA A 44 6.95 -7.90 0.29
CA ALA A 44 5.77 -7.47 1.05
C ALA A 44 4.99 -8.69 1.55
N HIS A 45 3.90 -8.43 2.28
CA HIS A 45 2.99 -9.44 2.75
C HIS A 45 1.73 -9.39 1.86
N LYS A 46 1.36 -10.53 1.28
CA LYS A 46 0.17 -10.56 0.42
C LYS A 46 -1.06 -10.02 1.11
N THR A 47 -1.29 -10.37 2.39
CA THR A 47 -2.51 -9.89 3.06
C THR A 47 -2.55 -8.38 3.17
N VAL A 48 -1.41 -7.71 3.38
CA VAL A 48 -1.46 -6.25 3.48
C VAL A 48 -1.76 -5.66 2.10
N LEU A 49 -1.10 -6.19 1.05
CA LEU A 49 -1.39 -5.70 -0.30
C LEU A 49 -2.86 -5.84 -0.63
N MET A 50 -3.46 -7.03 -0.32
CA MET A 50 -4.87 -7.29 -0.61
C MET A 50 -5.78 -6.38 0.17
N ALA A 51 -5.39 -6.04 1.41
CA ALA A 51 -6.26 -5.21 2.25
C ALA A 51 -6.25 -3.73 1.79
N CYS A 52 -5.26 -3.35 0.93
CA CYS A 52 -5.12 -1.96 0.49
C CYS A 52 -5.50 -1.71 -0.94
N SER A 53 -5.39 -2.73 -1.79
CA SER A 53 -5.49 -2.53 -3.23
C SER A 53 -6.46 -3.48 -3.87
N GLY A 54 -7.39 -2.95 -4.66
CA GLY A 54 -8.31 -3.80 -5.39
C GLY A 54 -7.60 -4.71 -6.39
N LEU A 55 -6.48 -4.20 -6.97
CA LEU A 55 -5.76 -5.03 -7.93
C LEU A 55 -5.13 -6.24 -7.22
N PHE A 56 -4.44 -6.00 -6.09
CA PHE A 56 -3.83 -7.13 -5.37
C PHE A 56 -4.88 -8.08 -4.78
N TYR A 57 -6.04 -7.52 -4.35
CA TYR A 57 -7.11 -8.40 -3.86
C TYR A 57 -7.51 -9.37 -4.99
N SER A 58 -7.69 -8.85 -6.22
CA SER A 58 -8.07 -9.69 -7.35
C SER A 58 -6.99 -10.71 -7.68
N ILE A 59 -5.71 -10.28 -7.64
CA ILE A 59 -4.59 -11.18 -7.93
C ILE A 59 -4.52 -12.33 -6.93
N PHE A 60 -4.51 -12.01 -5.63
CA PHE A 60 -4.25 -13.07 -4.65
C PHE A 60 -5.49 -13.88 -4.27
N THR A 61 -6.67 -13.55 -4.83
CA THR A 61 -7.86 -14.40 -4.66
C THR A 61 -8.01 -15.31 -5.89
N ASP A 62 -7.18 -15.12 -6.91
CA ASP A 62 -7.21 -15.99 -8.09
C ASP A 62 -6.61 -17.33 -7.69
N GLN A 63 -7.28 -18.44 -8.06
CA GLN A 63 -6.86 -19.77 -7.68
C GLN A 63 -5.46 -20.17 -8.18
N LEU A 64 -4.95 -19.55 -9.28
CA LEU A 64 -3.59 -19.82 -9.73
C LEU A 64 -2.60 -18.78 -9.21
N LYS A 65 -2.94 -17.48 -9.29
CA LYS A 65 -1.98 -16.45 -8.89
C LYS A 65 -1.74 -16.37 -7.38
N CYS A 66 -2.68 -16.86 -6.56
CA CYS A 66 -2.52 -16.86 -5.09
C CYS A 66 -1.25 -17.60 -4.65
N ASN A 67 -0.77 -18.54 -5.47
CA ASN A 67 0.40 -19.38 -5.19
C ASN A 67 1.71 -18.82 -5.70
N LEU A 68 1.66 -17.69 -6.44
CA LEU A 68 2.88 -17.12 -6.98
C LEU A 68 3.67 -16.38 -5.91
N SER A 69 5.01 -16.51 -5.97
CA SER A 69 5.89 -15.85 -5.02
CA SER A 69 5.87 -15.83 -5.00
C SER A 69 6.45 -14.55 -5.62
N VAL A 70 6.23 -14.35 -6.93
CA VAL A 70 6.69 -13.17 -7.66
C VAL A 70 5.54 -12.68 -8.51
N ILE A 71 5.27 -11.37 -8.45
CA ILE A 71 4.25 -10.76 -9.32
C ILE A 71 4.93 -9.64 -10.09
N ASN A 72 4.85 -9.67 -11.43
CA ASN A 72 5.45 -8.63 -12.27
C ASN A 72 4.37 -7.61 -12.66
N LEU A 73 4.58 -6.34 -12.33
CA LEU A 73 3.62 -5.30 -12.71
C LEU A 73 3.89 -4.83 -14.14
N ASP A 74 2.89 -4.15 -14.72
CA ASP A 74 2.97 -3.59 -16.07
C ASP A 74 4.25 -2.72 -16.17
N PRO A 75 5.03 -2.84 -17.26
CA PRO A 75 6.27 -2.04 -17.39
C PRO A 75 6.08 -0.53 -17.42
N GLU A 76 4.84 -0.05 -17.61
N GLU A 76 4.85 -0.04 -17.63
CA GLU A 76 4.53 1.39 -17.61
CA GLU A 76 4.59 1.39 -17.63
C GLU A 76 4.54 1.94 -16.19
C GLU A 76 4.51 1.95 -16.20
N ILE A 77 4.46 1.05 -15.17
CA ILE A 77 4.41 1.50 -13.78
C ILE A 77 5.76 1.97 -13.31
N ASN A 78 5.78 3.16 -12.70
CA ASN A 78 6.97 3.80 -12.20
C ASN A 78 7.39 3.16 -10.86
N PRO A 79 8.64 2.65 -10.72
CA PRO A 79 9.03 2.03 -9.43
C PRO A 79 8.96 2.97 -8.23
N GLU A 80 9.33 4.25 -8.40
CA GLU A 80 9.26 5.18 -7.27
C GLU A 80 7.78 5.39 -6.87
N GLY A 81 6.90 5.52 -7.85
CA GLY A 81 5.46 5.66 -7.60
C GLY A 81 4.94 4.44 -6.84
N PHE A 82 5.39 3.22 -7.24
CA PHE A 82 4.98 2.02 -6.51
C PHE A 82 5.56 2.03 -5.08
N CYS A 83 6.84 2.43 -4.92
CA CYS A 83 7.48 2.47 -3.59
C CYS A 83 6.69 3.40 -2.65
N ILE A 84 6.28 4.56 -3.17
CA ILE A 84 5.53 5.53 -2.37
C ILE A 84 4.18 4.93 -1.96
N LEU A 85 3.51 4.22 -2.90
N LEU A 85 3.51 4.22 -2.89
CA LEU A 85 2.21 3.59 -2.62
CA LEU A 85 2.22 3.64 -2.52
C LEU A 85 2.34 2.45 -1.62
C LEU A 85 2.37 2.46 -1.57
N LEU A 86 3.43 1.67 -1.73
CA LEU A 86 3.66 0.54 -0.79
C LEU A 86 3.94 1.10 0.62
N ASP A 87 4.73 2.18 0.69
CA ASP A 87 4.95 2.80 2.01
C ASP A 87 3.63 3.31 2.59
N PHE A 88 2.78 3.91 1.72
CA PHE A 88 1.47 4.41 2.20
C PHE A 88 0.65 3.20 2.74
N MET A 89 0.64 2.06 1.99
CA MET A 89 -0.12 0.90 2.47
C MET A 89 0.26 0.55 3.95
N TYR A 90 1.57 0.58 4.22
CA TYR A 90 2.10 0.14 5.52
C TYR A 90 2.18 1.22 6.57
N THR A 91 1.87 2.48 6.22
CA THR A 91 2.02 3.55 7.22
C THR A 91 0.92 4.59 7.28
N SER A 92 0.02 4.63 6.27
N SER A 92 0.06 4.65 6.25
CA SER A 92 -1.02 5.67 6.12
CA SER A 92 -1.02 5.63 6.03
C SER A 92 -0.46 7.00 5.67
C SER A 92 -0.48 6.97 5.51
N ARG A 93 0.86 7.09 5.41
CA ARG A 93 1.52 8.33 4.99
C ARG A 93 1.89 8.29 3.53
N LEU A 94 1.52 9.34 2.80
CA LEU A 94 1.77 9.40 1.35
C LEU A 94 2.74 10.55 1.05
N ASN A 95 3.93 10.21 0.53
CA ASN A 95 4.94 11.21 0.23
C ASN A 95 4.64 11.80 -1.15
N LEU A 96 3.63 12.67 -1.22
CA LEU A 96 3.18 13.30 -2.46
C LEU A 96 3.91 14.61 -2.68
N ARG A 97 4.58 14.73 -3.84
CA ARG A 97 5.40 15.89 -4.18
C ARG A 97 5.12 16.29 -5.63
N GLU A 98 5.41 17.55 -5.97
CA GLU A 98 5.20 18.01 -7.34
C GLU A 98 5.87 17.08 -8.36
N GLY A 99 7.09 16.63 -8.03
CA GLY A 99 7.88 15.78 -8.92
C GLY A 99 7.41 14.35 -9.06
N ASN A 100 6.54 13.88 -8.13
CA ASN A 100 6.08 12.49 -8.23
C ASN A 100 4.57 12.30 -8.38
N ILE A 101 3.79 13.39 -8.29
CA ILE A 101 2.33 13.25 -8.23
C ILE A 101 1.73 12.53 -9.47
N MET A 102 2.23 12.84 -10.68
CA MET A 102 1.65 12.16 -11.83
C MET A 102 1.93 10.67 -11.76
N ALA A 103 3.16 10.26 -11.37
CA ALA A 103 3.49 8.81 -11.27
C ALA A 103 2.68 8.17 -10.15
N VAL A 104 2.50 8.87 -9.01
CA VAL A 104 1.72 8.31 -7.89
C VAL A 104 0.26 8.12 -8.30
N MET A 105 -0.34 9.13 -8.96
CA MET A 105 -1.73 9.01 -9.38
C MET A 105 -1.90 7.85 -10.36
N ALA A 106 -1.02 7.75 -11.38
CA ALA A 106 -1.13 6.65 -12.35
C ALA A 106 -1.00 5.29 -11.67
N THR A 107 -0.07 5.19 -10.71
CA THR A 107 0.15 3.92 -10.00
C THR A 107 -1.09 3.58 -9.15
N ALA A 108 -1.66 4.61 -8.47
CA ALA A 108 -2.84 4.37 -7.62
C ALA A 108 -4.05 3.96 -8.48
N MET A 109 -4.19 4.52 -9.69
CA MET A 109 -5.29 4.12 -10.57
C MET A 109 -5.13 2.62 -10.93
N TYR A 110 -3.91 2.23 -11.29
CA TYR A 110 -3.59 0.85 -11.65
C TYR A 110 -3.82 -0.09 -10.46
N LEU A 111 -3.40 0.36 -9.27
CA LEU A 111 -3.56 -0.51 -8.09
C LEU A 111 -4.97 -0.45 -7.53
N GLN A 112 -5.85 0.43 -8.09
CA GLN A 112 -7.23 0.59 -7.64
C GLN A 112 -7.23 1.02 -6.17
N MET A 113 -6.58 2.15 -5.90
CA MET A 113 -6.50 2.75 -4.55
C MET A 113 -7.15 4.12 -4.67
N GLU A 114 -8.50 4.11 -4.62
CA GLU A 114 -9.38 5.28 -4.85
C GLU A 114 -9.10 6.50 -3.99
N HIS A 115 -8.82 6.30 -2.69
CA HIS A 115 -8.58 7.45 -1.79
C HIS A 115 -7.32 8.20 -2.23
N VAL A 116 -6.30 7.46 -2.69
CA VAL A 116 -5.07 8.09 -3.16
C VAL A 116 -5.35 8.83 -4.48
N VAL A 117 -6.10 8.18 -5.40
CA VAL A 117 -6.42 8.81 -6.68
C VAL A 117 -7.12 10.14 -6.43
N ASP A 118 -8.11 10.15 -5.52
CA ASP A 118 -8.88 11.34 -5.14
C ASP A 118 -7.99 12.48 -4.62
N THR A 119 -7.05 12.21 -3.69
CA THR A 119 -6.19 13.31 -3.18
C THR A 119 -5.27 13.82 -4.28
N CYS A 120 -4.78 12.92 -5.18
CA CYS A 120 -3.92 13.39 -6.28
C CYS A 120 -4.68 14.32 -7.18
N ARG A 121 -5.93 13.96 -7.54
N ARG A 121 -5.92 13.95 -7.55
CA ARG A 121 -6.81 14.77 -8.40
CA ARG A 121 -6.78 14.79 -8.40
C ARG A 121 -7.06 16.15 -7.77
C ARG A 121 -6.97 16.17 -7.76
N LYS A 122 -7.21 16.21 -6.43
CA LYS A 122 -7.43 17.46 -5.69
C LYS A 122 -6.18 18.35 -5.75
N PHE A 123 -4.98 17.77 -5.52
CA PHE A 123 -3.71 18.53 -5.54
C PHE A 123 -3.40 19.04 -6.95
N ILE A 124 -3.71 18.23 -7.99
CA ILE A 124 -3.49 18.68 -9.39
C ILE A 124 -4.44 19.84 -9.72
N LYS A 125 -5.74 19.70 -9.38
CA LYS A 125 -6.77 20.72 -9.62
C LYS A 125 -6.42 22.07 -8.95
N ALA A 126 -5.84 22.01 -7.73
CA ALA A 126 -5.44 23.22 -6.98
C ALA A 126 -4.30 24.00 -7.66
N SER A 127 -3.42 23.29 -8.42
N SER A 127 -3.43 23.29 -8.43
CA SER A 127 -2.29 23.88 -9.14
CA SER A 127 -2.29 23.88 -9.14
C SER A 127 -2.69 24.50 -10.48
C SER A 127 -2.72 24.53 -10.46
N GLU A 128 -3.91 24.17 -10.98
CA GLU A 128 -4.45 24.70 -12.25
C GLU A 128 -4.92 26.14 -12.08
CA ALA B 1 -6.66 4.51 25.68
C ALA B 1 -7.88 3.70 25.21
N TRP B 2 -8.73 3.31 26.16
CA TRP B 2 -9.92 2.52 25.91
C TRP B 2 -11.13 3.41 25.93
N VAL B 3 -12.08 3.16 25.02
CA VAL B 3 -13.31 3.97 24.91
C VAL B 3 -14.55 3.10 24.63
N ILE B 4 -15.73 3.72 24.74
CA ILE B 4 -16.99 3.08 24.34
C ILE B 4 -17.09 3.41 22.84
N PRO B 5 -17.01 2.41 21.94
CA PRO B 5 -17.05 2.74 20.50
C PRO B 5 -18.41 3.21 20.01
N ALA B 6 -18.43 4.12 19.01
C14 K4X C . -11.05 -7.47 1.61
C10 K4X C . -15.23 -8.45 -3.34
C15 K4X C . -13.45 -9.10 0.83
C2 K4X C . -11.44 -6.24 -0.56
C1 K4X C . -11.83 -7.26 0.32
C3 K4X C . -10.25 -5.36 -0.24
C8 K4X C . -12.20 -6.06 -1.72
C11 K4X C . -15.62 -7.03 -3.64
C4 K4X C . -10.23 -4.08 -1.04
C9 K4X C . -13.63 -7.76 -1.19
N2 K4X C . -13.81 -9.94 1.51
C K4X C . -12.96 -8.04 0.00
N K4X C . -13.26 -6.80 -2.03
C7 K4X C . -11.84 -4.99 -2.72
C6 K4X C . -10.48 -4.37 -2.50
C5 K4X C . -8.93 -3.31 -0.83
F2 K4X C . -11.27 -8.59 2.22
F1 K4X C . -11.32 -6.56 2.48
F K4X C . -9.75 -7.41 1.45
S K4X C . -15.03 -8.75 -1.55
O2 K4X C . -16.34 -6.39 -2.88
N1 K4X C . -15.13 -6.53 -4.77
C1 EDO D . -9.50 -19.04 -11.65
O1 EDO D . -8.07 -18.90 -11.65
C2 EDO D . -10.21 -17.95 -10.82
O2 EDO D . -9.91 -18.11 -9.44
C1 EDO E . 2.38 -11.96 -13.18
O1 EDO E . 3.69 -11.95 -12.66
C2 EDO E . 2.43 -12.48 -14.63
O2 EDO E . 3.07 -13.75 -14.61
C1 EDO F . 12.25 -14.63 5.11
C1 EDO F . 12.00 -14.35 5.13
O1 EDO F . 13.18 -13.58 5.29
O1 EDO F . 12.73 -13.27 4.59
C2 EDO F . 10.96 -14.08 4.45
C2 EDO F . 10.51 -14.16 4.78
O2 EDO F . 9.97 -15.09 4.43
O2 EDO F . 10.37 -14.30 3.39
C1 EDO G . 6.41 -16.94 4.08
O1 EDO G . 7.51 -16.28 4.66
C2 EDO G . 6.82 -17.46 2.67
O2 EDO G . 5.68 -18.06 2.06
C1 EDO H . 7.86 -5.97 -14.14
O1 EDO H . 7.68 -4.74 -14.80
C2 EDO H . 8.98 -6.77 -14.80
O2 EDO H . 10.21 -6.06 -14.61
C1 EDO I . 8.41 -17.86 -8.88
O1 EDO I . 9.31 -17.07 -9.65
C2 EDO I . 6.97 -17.31 -9.03
O2 EDO I . 6.09 -18.07 -8.22
C1 EDO J . 12.00 3.22 -5.91
O1 EDO J . 12.40 4.41 -5.25
C2 EDO J . 13.21 2.28 -6.08
O2 EDO J . 13.63 1.84 -4.81
C1 EDO K . 0.96 18.67 -11.56
O1 EDO K . 1.02 19.45 -10.37
C2 EDO K . 2.36 18.64 -12.22
O2 EDO K . 3.31 18.11 -11.29
#